data_6GG8
#
_entry.id   6GG8
#
_cell.length_a   48.654
_cell.length_b   77.953
_cell.length_c   78.755
_cell.angle_alpha   90.00
_cell.angle_beta   90.00
_cell.angle_gamma   90.00
#
_symmetry.space_group_name_H-M   'P 21 21 21'
#
loop_
_entity.id
_entity.type
_entity.pdbx_description
1 polymer 'Mineralocorticoid receptor'
2 polymer 'Nuclear receptor coactivator 1'
3 non-polymer (4S)-2-METHYL-2,4-PENTANEDIOL
4 non-polymer [(3~{R})-7-fluoranyl-4-[(3-oxidanylidene-4~{H}-1,4-benzoxazin-6-yl)carbonyl]-2,3-dihydro-1,4-benzoxazin-3-yl]methanesulfonamide
5 water water
#
loop_
_entity_poly.entity_id
_entity_poly.type
_entity_poly.pdbx_seq_one_letter_code
_entity_poly.pdbx_strand_id
1 'polypeptide(L)'
;MHNHNHNHNHNHNGGENLYFQGTPSPVMVLENIEPEIVYAGYDSSKPDTAENLLSTLNRLAGKQMIQVVKWAKVLPGFKN
LPLEDQITLIQYSWMSLSSFALSWRSYKHTNSQFLYFAPDLVFNEEKMHQSAMYELCQGMHQISLQFVRLQLTFEEYTIM
KVLLLLSTIPKDGLKSQAAFEEMRTNYIKELRKMVTKSPNNSGQSWQRFYQLTKLLDSMHDLVSDLLEFCFYTFRESHAL
KVEFPAMLVEIISDQLPKVESGNAKPLYFHRKGGSLVPRGSGGGSGGSGGPQAQQKSLLQQLLTE
;
A
2 'polypeptide(L)' PQAQQKSLLQQLLTE B
#
loop_
_chem_comp.id
_chem_comp.type
_chem_comp.name
_chem_comp.formula
EY8 non-polymer [(3~{R})-7-fluoranyl-4-[(3-oxidanylidene-4~{H}-1,4-benzoxazin-6-yl)carbonyl]-2,3-dihydro-1,4-benzoxazin-3-yl]methanesulfonamide 'C18 H16 F N3 O6 S'
MPD non-polymer (4S)-2-METHYL-2,4-PENTANEDIOL 'C6 H14 O2'
#
# COMPACT_ATOMS: atom_id res chain seq x y z
N SER A 25 1.60 -11.83 -21.88
CA SER A 25 0.73 -10.80 -21.33
C SER A 25 1.08 -10.54 -19.86
N PRO A 26 1.83 -9.45 -19.55
CA PRO A 26 2.22 -9.20 -18.16
C PRO A 26 1.05 -8.91 -17.22
N VAL A 27 -0.07 -8.37 -17.74
CA VAL A 27 -1.23 -8.09 -16.90
C VAL A 27 -1.90 -9.40 -16.49
N MET A 28 -1.88 -10.42 -17.36
CA MET A 28 -2.46 -11.72 -17.00
C MET A 28 -1.60 -12.40 -15.90
N VAL A 29 -0.28 -12.18 -15.94
CA VAL A 29 0.60 -12.66 -14.87
C VAL A 29 0.17 -11.93 -13.56
N LEU A 30 -0.06 -10.60 -13.61
CA LEU A 30 -0.47 -9.81 -12.42
C LEU A 30 -1.73 -10.36 -11.76
N GLU A 31 -2.74 -10.66 -12.57
CA GLU A 31 -4.01 -11.22 -12.10
C GLU A 31 -3.78 -12.54 -11.39
N ASN A 32 -2.86 -13.38 -11.93
CA ASN A 32 -2.58 -14.70 -11.36
C ASN A 32 -1.66 -14.69 -10.13
N ILE A 33 -0.88 -13.63 -9.94
CA ILE A 33 0.04 -13.61 -8.78
C ILE A 33 -0.54 -12.83 -7.61
N GLU A 34 -1.81 -12.43 -7.71
CA GLU A 34 -2.46 -11.72 -6.64
C GLU A 34 -2.58 -12.63 -5.38
N PRO A 35 -2.09 -12.16 -4.23
CA PRO A 35 -2.07 -13.02 -3.03
C PRO A 35 -3.43 -13.37 -2.48
N GLU A 36 -3.51 -14.49 -1.74
CA GLU A 36 -4.71 -14.95 -1.04
C GLU A 36 -5.09 -13.87 0.00
N ILE A 37 -6.37 -13.64 0.28
CA ILE A 37 -6.65 -12.61 1.29
C ILE A 37 -6.34 -13.24 2.69
N VAL A 38 -5.90 -12.41 3.64
CA VAL A 38 -5.42 -12.75 4.98
C VAL A 38 -6.46 -12.43 6.02
N TYR A 39 -6.56 -13.26 7.08
CA TYR A 39 -7.43 -12.96 8.21
C TYR A 39 -6.68 -12.05 9.16
N ALA A 40 -7.41 -11.18 9.86
CA ALA A 40 -6.85 -10.25 10.84
C ALA A 40 -6.47 -10.98 12.17
N GLY A 41 -7.26 -11.98 12.56
CA GLY A 41 -7.07 -12.66 13.83
C GLY A 41 -7.65 -11.78 14.92
N TYR A 42 -8.69 -11.04 14.56
CA TYR A 42 -9.38 -10.11 15.43
C TYR A 42 -10.17 -10.88 16.49
N ASP A 43 -9.96 -10.51 17.76
CA ASP A 43 -10.58 -11.10 18.93
C ASP A 43 -11.70 -10.18 19.41
N SER A 44 -12.92 -10.48 18.95
CA SER A 44 -14.14 -9.74 19.25
C SER A 44 -14.61 -9.94 20.69
N SER A 45 -13.95 -10.82 21.47
CA SER A 45 -14.31 -11.03 22.88
C SER A 45 -13.60 -10.00 23.75
N LYS A 46 -12.38 -9.57 23.32
CA LYS A 46 -11.55 -8.56 24.00
C LYS A 46 -12.20 -7.17 23.83
N PRO A 47 -11.92 -6.20 24.75
CA PRO A 47 -12.55 -4.87 24.58
C PRO A 47 -12.08 -4.18 23.31
N ASP A 48 -12.98 -3.47 22.63
CA ASP A 48 -12.63 -2.79 21.38
C ASP A 48 -12.01 -1.42 21.67
N THR A 49 -10.81 -1.47 22.28
CA THR A 49 -10.04 -0.29 22.63
C THR A 49 -9.22 0.04 21.39
N ALA A 50 -8.67 1.26 21.34
CA ALA A 50 -7.78 1.70 20.26
C ALA A 50 -6.53 0.80 20.27
N GLU A 51 -6.00 0.44 21.48
CA GLU A 51 -4.80 -0.41 21.63
C GLU A 51 -5.00 -1.75 20.97
N ASN A 52 -6.15 -2.40 21.23
CA ASN A 52 -6.51 -3.71 20.68
C ASN A 52 -6.77 -3.69 19.17
N LEU A 53 -7.54 -2.70 18.68
CA LEU A 53 -7.80 -2.57 17.24
C LEU A 53 -6.53 -2.28 16.46
N LEU A 54 -5.74 -1.28 16.88
CA LEU A 54 -4.51 -0.91 16.17
C LEU A 54 -3.49 -2.05 16.18
N SER A 55 -3.40 -2.81 17.30
CA SER A 55 -2.51 -3.97 17.42
C SER A 55 -2.92 -5.04 16.40
N THR A 56 -4.25 -5.21 16.21
CA THR A 56 -4.78 -6.17 15.21
C THR A 56 -4.42 -5.70 13.79
N LEU A 57 -4.56 -4.38 13.52
CA LEU A 57 -4.20 -3.83 12.21
C LEU A 57 -2.70 -4.03 11.91
N ASN A 58 -1.85 -3.85 12.92
CA ASN A 58 -0.41 -4.02 12.77
C ASN A 58 -0.03 -5.49 12.50
N ARG A 59 -0.71 -6.45 13.15
CA ARG A 59 -0.53 -7.90 12.97
C ARG A 59 -0.93 -8.22 11.51
N LEU A 60 -2.05 -7.63 11.08
CA LEU A 60 -2.55 -7.75 9.70
C LEU A 60 -1.53 -7.17 8.68
N ALA A 61 -0.99 -5.96 8.94
CA ALA A 61 0.03 -5.31 8.09
C ALA A 61 1.29 -6.17 7.97
N GLY A 62 1.71 -6.80 9.07
CA GLY A 62 2.87 -7.70 9.06
C GLY A 62 2.64 -8.89 8.13
N LYS A 63 1.47 -9.56 8.25
CA LYS A 63 1.15 -10.71 7.40
C LYS A 63 1.11 -10.26 5.93
N GLN A 64 0.50 -9.09 5.65
CA GLN A 64 0.42 -8.53 4.30
C GLN A 64 1.80 -8.25 3.74
N MET A 65 2.73 -7.79 4.59
CA MET A 65 4.10 -7.51 4.15
C MET A 65 4.84 -8.77 3.66
N ILE A 66 4.57 -9.92 4.28
CA ILE A 66 5.16 -11.19 3.80
C ILE A 66 4.62 -11.48 2.40
N GLN A 67 3.31 -11.26 2.19
CA GLN A 67 2.66 -11.46 0.90
C GLN A 67 3.22 -10.51 -0.16
N VAL A 68 3.49 -9.24 0.21
CA VAL A 68 4.10 -8.25 -0.70
C VAL A 68 5.45 -8.78 -1.19
N VAL A 69 6.30 -9.29 -0.28
CA VAL A 69 7.61 -9.85 -0.70
C VAL A 69 7.43 -11.01 -1.68
N LYS A 70 6.57 -11.99 -1.36
CA LYS A 70 6.33 -13.16 -2.24
C LYS A 70 5.83 -12.71 -3.63
N TRP A 71 4.95 -11.71 -3.65
CA TRP A 71 4.39 -11.14 -4.88
C TRP A 71 5.47 -10.40 -5.67
N ALA A 72 6.23 -9.52 -4.99
CA ALA A 72 7.26 -8.72 -5.66
C ALA A 72 8.34 -9.59 -6.32
N LYS A 73 8.74 -10.70 -5.68
CA LYS A 73 9.75 -11.61 -6.22
C LYS A 73 9.36 -12.19 -7.59
N VAL A 74 8.06 -12.41 -7.82
CA VAL A 74 7.54 -12.98 -9.07
C VAL A 74 6.93 -11.92 -9.99
N LEU A 75 7.04 -10.64 -9.63
CA LEU A 75 6.52 -9.54 -10.40
C LEU A 75 7.41 -9.35 -11.64
N PRO A 76 6.90 -9.44 -12.90
CA PRO A 76 7.80 -9.25 -14.06
C PRO A 76 8.61 -7.96 -14.01
N GLY A 77 9.93 -8.10 -14.11
CA GLY A 77 10.89 -7.00 -14.09
C GLY A 77 11.53 -6.71 -12.74
N PHE A 78 10.87 -7.10 -11.63
CA PHE A 78 11.37 -6.80 -10.29
C PHE A 78 12.71 -7.43 -9.97
N LYS A 79 12.91 -8.68 -10.42
CA LYS A 79 14.17 -9.40 -10.22
C LYS A 79 15.39 -8.69 -10.84
N ASN A 80 15.17 -7.84 -11.87
CA ASN A 80 16.25 -7.11 -12.54
C ASN A 80 16.86 -6.03 -11.62
N LEU A 81 16.06 -5.51 -10.69
CA LEU A 81 16.53 -4.47 -9.77
C LEU A 81 17.46 -5.08 -8.70
N PRO A 82 18.54 -4.36 -8.32
CA PRO A 82 19.45 -4.90 -7.29
C PRO A 82 18.75 -5.00 -5.94
N LEU A 83 19.21 -5.92 -5.08
CA LEU A 83 18.61 -6.20 -3.76
C LEU A 83 18.38 -4.94 -2.92
N GLU A 84 19.37 -4.01 -2.87
CA GLU A 84 19.23 -2.76 -2.11
C GLU A 84 18.01 -1.96 -2.60
N ASP A 85 17.83 -1.85 -3.93
CA ASP A 85 16.69 -1.14 -4.51
C ASP A 85 15.37 -1.85 -4.24
N GLN A 86 15.36 -3.19 -4.28
CA GLN A 86 14.12 -3.95 -3.99
C GLN A 86 13.64 -3.66 -2.56
N ILE A 87 14.59 -3.67 -1.61
CA ILE A 87 14.33 -3.37 -0.20
C ILE A 87 13.82 -1.93 -0.05
N THR A 88 14.48 -0.97 -0.73
CA THR A 88 14.08 0.44 -0.66
C THR A 88 12.62 0.63 -1.12
N LEU A 89 12.28 0.06 -2.29
CA LEU A 89 10.93 0.19 -2.85
C LEU A 89 9.84 -0.41 -1.97
N ILE A 90 10.10 -1.61 -1.43
CA ILE A 90 9.16 -2.28 -0.52
C ILE A 90 8.97 -1.46 0.76
N GLN A 91 10.09 -0.97 1.36
CA GLN A 91 10.00 -0.15 2.58
C GLN A 91 9.30 1.20 2.33
N TYR A 92 9.58 1.85 1.19
CA TYR A 92 8.94 3.15 0.94
C TYR A 92 7.45 3.03 0.55
N SER A 93 7.06 1.93 -0.09
CA SER A 93 5.70 1.79 -0.64
C SER A 93 4.73 0.93 0.18
N TRP A 94 5.18 0.35 1.31
CA TRP A 94 4.33 -0.58 2.07
C TRP A 94 2.94 -0.03 2.41
N MET A 95 2.85 1.23 2.88
CA MET A 95 1.56 1.85 3.25
C MET A 95 0.72 2.14 2.01
N SER A 96 1.36 2.48 0.87
N SER A 96 1.36 2.47 0.89
CA SER A 96 0.70 2.76 -0.40
CA SER A 96 0.67 2.76 -0.37
C SER A 96 0.04 1.49 -0.94
C SER A 96 0.04 1.48 -0.93
N LEU A 97 0.80 0.37 -0.97
CA LEU A 97 0.28 -0.92 -1.47
C LEU A 97 -0.85 -1.39 -0.55
N SER A 98 -0.64 -1.25 0.76
CA SER A 98 -1.59 -1.73 1.76
C SER A 98 -2.89 -0.95 1.71
N SER A 99 -2.79 0.39 1.60
CA SER A 99 -4.00 1.21 1.59
C SER A 99 -4.76 1.04 0.29
N PHE A 100 -4.02 0.89 -0.84
CA PHE A 100 -4.68 0.68 -2.13
C PHE A 100 -5.44 -0.68 -2.16
N ALA A 101 -4.86 -1.71 -1.55
CA ALA A 101 -5.50 -3.02 -1.48
C ALA A 101 -6.69 -2.99 -0.54
N LEU A 102 -6.61 -2.22 0.53
CA LEU A 102 -7.76 -2.08 1.45
C LEU A 102 -8.95 -1.45 0.67
N SER A 103 -8.66 -0.41 -0.13
CA SER A 103 -9.66 0.23 -0.97
C SER A 103 -10.26 -0.82 -1.95
N TRP A 104 -9.42 -1.68 -2.55
CA TRP A 104 -9.90 -2.73 -3.47
C TRP A 104 -10.85 -3.70 -2.75
N ARG A 105 -10.45 -4.22 -1.57
CA ARG A 105 -11.30 -5.16 -0.84
C ARG A 105 -12.62 -4.52 -0.44
N SER A 106 -12.59 -3.23 -0.04
CA SER A 106 -13.78 -2.47 0.37
C SER A 106 -14.76 -2.33 -0.78
N TYR A 107 -14.21 -2.07 -1.96
CA TYR A 107 -14.95 -1.94 -3.20
C TYR A 107 -15.52 -3.28 -3.66
N LYS A 108 -14.67 -4.32 -3.77
CA LYS A 108 -15.09 -5.64 -4.25
C LYS A 108 -16.13 -6.33 -3.35
N HIS A 109 -15.88 -6.33 -2.04
CA HIS A 109 -16.71 -7.07 -1.10
C HIS A 109 -17.89 -6.30 -0.49
N THR A 110 -17.87 -4.96 -0.46
CA THR A 110 -18.99 -4.22 0.18
C THR A 110 -19.54 -3.08 -0.71
N ASN A 111 -19.05 -2.95 -1.97
CA ASN A 111 -19.37 -1.82 -2.87
C ASN A 111 -18.98 -0.49 -2.20
N SER A 112 -17.84 -0.53 -1.46
CA SER A 112 -17.26 0.61 -0.74
C SER A 112 -18.17 1.21 0.32
N GLN A 113 -19.07 0.41 0.89
CA GLN A 113 -19.96 0.86 1.98
C GLN A 113 -19.17 0.82 3.30
N PHE A 114 -18.26 -0.15 3.44
CA PHE A 114 -17.45 -0.36 4.64
C PHE A 114 -15.98 -0.53 4.31
N LEU A 115 -15.11 -0.45 5.33
CA LEU A 115 -13.68 -0.72 5.14
C LEU A 115 -13.45 -2.20 5.44
N TYR A 116 -13.17 -2.99 4.38
CA TYR A 116 -12.97 -4.46 4.46
C TYR A 116 -11.49 -4.76 4.73
N PHE A 117 -11.08 -4.64 6.00
CA PHE A 117 -9.69 -4.91 6.38
C PHE A 117 -9.39 -6.38 6.13
N ALA A 118 -10.32 -7.26 6.52
CA ALA A 118 -10.16 -8.70 6.37
C ALA A 118 -11.55 -9.35 6.48
N PRO A 119 -11.76 -10.64 6.05
CA PRO A 119 -13.10 -11.24 6.20
C PRO A 119 -13.63 -11.15 7.63
N ASP A 120 -12.73 -11.25 8.62
CA ASP A 120 -13.03 -11.24 10.06
C ASP A 120 -12.91 -9.83 10.69
N LEU A 121 -12.68 -8.79 9.86
CA LEU A 121 -12.56 -7.43 10.37
C LEU A 121 -13.02 -6.40 9.35
N VAL A 122 -14.29 -6.02 9.48
CA VAL A 122 -14.96 -5.07 8.57
C VAL A 122 -15.39 -3.88 9.44
N PHE A 123 -14.85 -2.70 9.17
CA PHE A 123 -15.17 -1.53 10.00
C PHE A 123 -16.50 -0.87 9.66
N ASN A 124 -17.26 -0.61 10.70
CA ASN A 124 -18.50 0.17 10.65
C ASN A 124 -18.10 1.51 11.27
N GLU A 125 -19.05 2.45 11.52
CA GLU A 125 -18.76 3.73 12.17
C GLU A 125 -18.12 3.53 13.55
N GLU A 126 -18.64 2.55 14.32
CA GLU A 126 -18.17 2.21 15.66
C GLU A 126 -16.66 1.95 15.67
N LYS A 127 -16.21 1.04 14.81
CA LYS A 127 -14.80 0.65 14.73
C LYS A 127 -13.90 1.78 14.24
N MET A 128 -14.38 2.61 13.30
CA MET A 128 -13.66 3.80 12.82
C MET A 128 -13.36 4.75 14.00
N HIS A 129 -14.35 4.96 14.89
CA HIS A 129 -14.19 5.78 16.09
C HIS A 129 -13.26 5.12 17.10
N GLN A 130 -13.52 3.83 17.42
CA GLN A 130 -12.74 3.06 18.42
C GLN A 130 -11.26 2.98 18.08
N SER A 131 -10.93 2.91 16.77
CA SER A 131 -9.55 2.76 16.28
C SER A 131 -8.68 3.99 16.56
N ALA A 132 -9.32 5.13 16.92
CA ALA A 132 -8.73 6.46 17.13
C ALA A 132 -8.13 7.00 15.82
N MET A 133 -8.63 6.48 14.66
CA MET A 133 -8.20 6.87 13.31
C MET A 133 -9.41 7.27 12.49
N TYR A 134 -10.47 7.82 13.14
CA TYR A 134 -11.72 8.15 12.45
C TYR A 134 -11.52 8.92 11.14
N GLU A 135 -10.85 10.07 11.22
CA GLU A 135 -10.62 10.94 10.05
C GLU A 135 -9.80 10.24 8.97
N LEU A 136 -8.78 9.44 9.36
CA LEU A 136 -7.98 8.70 8.38
C LEU A 136 -8.82 7.62 7.71
N CYS A 137 -9.69 6.96 8.49
CA CYS A 137 -10.65 5.96 8.00
C CYS A 137 -11.62 6.60 6.97
N GLN A 138 -12.12 7.83 7.23
N GLN A 138 -12.08 7.83 7.23
CA GLN A 138 -13.00 8.49 6.25
CA GLN A 138 -12.96 8.60 6.34
C GLN A 138 -12.23 8.87 4.96
C GLN A 138 -12.23 8.87 5.00
N GLY A 139 -10.95 9.22 5.11
CA GLY A 139 -10.06 9.51 3.97
C GLY A 139 -9.87 8.29 3.10
N MET A 140 -9.72 7.10 3.73
CA MET A 140 -9.61 5.81 3.08
C MET A 140 -10.94 5.47 2.38
N HIS A 141 -12.07 5.71 3.07
CA HIS A 141 -13.40 5.47 2.52
C HIS A 141 -13.60 6.32 1.25
N GLN A 142 -13.06 7.57 1.23
CA GLN A 142 -13.15 8.46 0.06
C GLN A 142 -12.47 7.87 -1.18
N ILE A 143 -11.32 7.17 -1.00
CA ILE A 143 -10.61 6.51 -2.10
C ILE A 143 -11.47 5.33 -2.62
N SER A 144 -12.03 4.50 -1.71
CA SER A 144 -12.85 3.37 -2.13
C SER A 144 -14.10 3.85 -2.92
N LEU A 145 -14.63 5.03 -2.56
CA LEU A 145 -15.76 5.64 -3.23
C LEU A 145 -15.37 6.07 -4.65
N GLN A 146 -14.08 6.41 -4.87
CA GLN A 146 -13.58 6.74 -6.22
C GLN A 146 -13.53 5.48 -7.11
N PHE A 147 -13.29 4.30 -6.49
CA PHE A 147 -13.27 3.02 -7.21
C PHE A 147 -14.66 2.75 -7.79
N VAL A 148 -15.72 3.04 -7.00
CA VAL A 148 -17.11 2.88 -7.44
C VAL A 148 -17.42 3.87 -8.59
N ARG A 149 -17.10 5.15 -8.40
CA ARG A 149 -17.32 6.21 -9.38
C ARG A 149 -16.70 5.85 -10.74
N LEU A 150 -15.44 5.39 -10.73
CA LEU A 150 -14.71 5.03 -11.93
C LEU A 150 -15.03 3.64 -12.46
N GLN A 151 -15.64 2.79 -11.61
CA GLN A 151 -15.95 1.38 -11.91
C GLN A 151 -14.60 0.68 -12.23
N LEU A 152 -13.62 0.90 -11.35
CA LEU A 152 -12.28 0.35 -11.51
C LEU A 152 -12.32 -1.15 -11.79
N THR A 153 -11.53 -1.60 -12.76
CA THR A 153 -11.51 -3.02 -13.10
C THR A 153 -10.35 -3.70 -12.39
N PHE A 154 -10.40 -5.03 -12.27
CA PHE A 154 -9.30 -5.76 -11.63
C PHE A 154 -7.99 -5.60 -12.40
N GLU A 155 -8.08 -5.57 -13.74
CA GLU A 155 -6.91 -5.41 -14.63
C GLU A 155 -6.24 -4.06 -14.35
N GLU A 156 -7.05 -2.98 -14.29
CA GLU A 156 -6.54 -1.64 -13.98
C GLU A 156 -5.92 -1.61 -12.59
N TYR A 157 -6.62 -2.16 -11.60
CA TYR A 157 -6.18 -2.25 -10.22
C TYR A 157 -4.77 -2.88 -10.10
N THR A 158 -4.55 -4.06 -10.71
CA THR A 158 -3.27 -4.78 -10.62
C THR A 158 -2.12 -3.96 -11.22
N ILE A 159 -2.36 -3.26 -12.33
CA ILE A 159 -1.29 -2.44 -12.94
C ILE A 159 -0.97 -1.27 -12.01
N MET A 160 -2.00 -0.60 -11.50
CA MET A 160 -1.86 0.53 -10.59
C MET A 160 -1.11 0.15 -9.30
N LYS A 161 -1.35 -1.05 -8.77
CA LYS A 161 -0.66 -1.50 -7.57
C LYS A 161 0.86 -1.62 -7.82
N VAL A 162 1.28 -2.09 -9.00
CA VAL A 162 2.71 -2.14 -9.39
C VAL A 162 3.23 -0.70 -9.46
N LEU A 163 2.46 0.21 -10.04
CA LEU A 163 2.91 1.61 -10.10
C LEU A 163 3.11 2.20 -8.71
N LEU A 164 2.29 1.80 -7.73
CA LEU A 164 2.48 2.26 -6.36
C LEU A 164 3.75 1.69 -5.74
N LEU A 165 4.10 0.44 -6.07
CA LEU A 165 5.37 -0.13 -5.60
C LEU A 165 6.55 0.71 -6.12
N LEU A 166 6.37 1.33 -7.28
CA LEU A 166 7.42 2.13 -7.94
C LEU A 166 7.15 3.66 -7.84
N SER A 167 6.42 4.10 -6.81
N SER A 167 6.41 4.10 -6.81
CA SER A 167 6.02 5.51 -6.69
CA SER A 167 6.00 5.50 -6.70
C SER A 167 6.80 6.35 -5.68
C SER A 167 6.79 6.35 -5.68
N THR A 168 7.67 5.74 -4.87
CA THR A 168 8.46 6.47 -3.87
C THR A 168 9.90 5.97 -3.92
N ILE A 169 10.84 6.87 -4.21
CA ILE A 169 12.27 6.51 -4.31
C ILE A 169 13.14 7.44 -3.42
N PRO A 170 14.43 7.14 -3.15
CA PRO A 170 15.25 8.10 -2.38
C PRO A 170 15.45 9.39 -3.19
N LYS A 171 15.59 10.51 -2.48
CA LYS A 171 15.81 11.84 -3.06
C LYS A 171 17.05 11.83 -3.99
N ASP A 172 18.09 11.07 -3.62
CA ASP A 172 19.32 10.96 -4.41
C ASP A 172 19.28 9.79 -5.42
N GLY A 173 18.09 9.23 -5.63
CA GLY A 173 17.84 8.15 -6.57
C GLY A 173 18.22 6.77 -6.07
N LEU A 174 17.88 5.74 -6.84
CA LEU A 174 18.19 4.35 -6.53
C LEU A 174 19.60 3.99 -7.02
N LYS A 175 20.10 2.80 -6.58
CA LYS A 175 21.42 2.27 -7.00
C LYS A 175 21.48 2.05 -8.52
N SER A 176 20.38 1.55 -9.10
CA SER A 176 20.18 1.27 -10.52
C SER A 176 18.95 2.06 -10.99
N GLN A 177 19.11 3.37 -11.09
CA GLN A 177 18.02 4.30 -11.45
C GLN A 177 17.45 4.01 -12.84
N ALA A 178 18.33 3.75 -13.82
CA ALA A 178 17.89 3.48 -15.19
C ALA A 178 17.07 2.18 -15.29
N ALA A 179 17.47 1.11 -14.57
CA ALA A 179 16.72 -0.15 -14.51
C ALA A 179 15.33 0.10 -13.91
N PHE A 180 15.26 0.89 -12.82
CA PHE A 180 13.98 1.22 -12.19
C PHE A 180 13.09 1.99 -13.18
N GLU A 181 13.64 3.02 -13.83
CA GLU A 181 12.88 3.87 -14.76
C GLU A 181 12.34 3.09 -15.93
N GLU A 182 13.10 2.10 -16.43
CA GLU A 182 12.66 1.23 -17.51
C GLU A 182 11.44 0.41 -17.04
N MET A 183 11.55 -0.20 -15.85
CA MET A 183 10.43 -0.97 -15.30
C MET A 183 9.18 -0.08 -15.11
N ARG A 184 9.32 1.09 -14.45
N ARG A 184 9.33 1.09 -14.45
CA ARG A 184 8.21 2.02 -14.22
CA ARG A 184 8.23 2.03 -14.22
C ARG A 184 7.56 2.45 -15.55
C ARG A 184 7.56 2.46 -15.55
N THR A 185 8.38 2.87 -16.54
CA THR A 185 7.90 3.31 -17.88
C THR A 185 7.08 2.19 -18.54
N ASN A 186 7.58 0.95 -18.46
CA ASN A 186 6.91 -0.19 -19.05
C ASN A 186 5.54 -0.45 -18.45
N TYR A 187 5.42 -0.28 -17.12
CA TYR A 187 4.14 -0.49 -16.46
C TYR A 187 3.17 0.67 -16.78
N ILE A 188 3.69 1.91 -16.94
CA ILE A 188 2.86 3.07 -17.35
C ILE A 188 2.26 2.76 -18.75
N LYS A 189 3.09 2.20 -19.67
CA LYS A 189 2.69 1.80 -21.03
C LYS A 189 1.58 0.75 -20.95
N GLU A 190 1.71 -0.24 -20.03
CA GLU A 190 0.68 -1.26 -19.81
C GLU A 190 -0.65 -0.65 -19.36
N LEU A 191 -0.61 0.35 -18.46
CA LEU A 191 -1.83 1.02 -17.98
C LEU A 191 -2.51 1.75 -19.14
N ARG A 192 -1.72 2.42 -20.02
CA ARG A 192 -2.27 3.12 -21.18
C ARG A 192 -2.93 2.14 -22.17
N LYS A 193 -2.30 0.98 -22.42
CA LYS A 193 -2.85 -0.07 -23.29
C LYS A 193 -4.16 -0.61 -22.71
N MET A 194 -4.21 -0.79 -21.38
CA MET A 194 -5.37 -1.32 -20.67
C MET A 194 -6.61 -0.39 -20.69
N VAL A 195 -6.44 0.94 -20.56
CA VAL A 195 -7.59 1.88 -20.48
C VAL A 195 -8.44 1.92 -21.78
N THR A 196 -7.87 1.46 -22.91
CA THR A 196 -8.56 1.35 -24.21
C THR A 196 -9.74 0.33 -24.16
N LYS A 197 -9.73 -0.60 -23.19
CA LYS A 197 -10.76 -1.62 -23.01
C LYS A 197 -12.04 -1.11 -22.32
N SER A 198 -11.94 -0.02 -21.54
CA SER A 198 -13.08 0.57 -20.82
C SER A 198 -13.57 1.89 -21.45
N SER A 205 -10.10 7.16 -24.86
CA SER A 205 -9.55 6.49 -23.68
C SER A 205 -8.56 7.37 -22.89
N TRP A 206 -8.11 8.51 -23.46
CA TRP A 206 -7.21 9.44 -22.77
C TRP A 206 -7.84 9.93 -21.47
N GLN A 207 -9.16 10.16 -21.46
CA GLN A 207 -9.91 10.63 -20.29
C GLN A 207 -9.76 9.64 -19.16
N ARG A 208 -9.94 8.34 -19.44
CA ARG A 208 -9.79 7.35 -18.38
C ARG A 208 -8.36 7.30 -17.84
N PHE A 209 -7.35 7.36 -18.72
CA PHE A 209 -5.95 7.34 -18.33
C PHE A 209 -5.65 8.41 -17.27
N TYR A 210 -6.06 9.67 -17.53
CA TYR A 210 -5.86 10.79 -16.61
C TYR A 210 -6.67 10.65 -15.34
N GLN A 211 -7.86 10.00 -15.38
N GLN A 211 -7.86 10.02 -15.37
CA GLN A 211 -8.61 9.78 -14.14
CA GLN A 211 -8.62 9.78 -14.14
C GLN A 211 -7.83 8.79 -13.23
C GLN A 211 -7.81 8.81 -13.24
N LEU A 212 -7.19 7.77 -13.85
CA LEU A 212 -6.40 6.77 -13.14
C LEU A 212 -5.08 7.33 -12.61
N THR A 213 -4.40 8.17 -13.39
CA THR A 213 -3.17 8.80 -12.91
C THR A 213 -3.47 9.81 -11.81
N LYS A 214 -4.62 10.54 -11.90
CA LYS A 214 -5.05 11.49 -10.86
C LYS A 214 -5.28 10.69 -9.54
N LEU A 215 -5.97 9.54 -9.63
CA LEU A 215 -6.24 8.65 -8.48
C LEU A 215 -4.93 8.17 -7.83
N LEU A 216 -3.96 7.73 -8.66
CA LEU A 216 -2.64 7.28 -8.18
C LEU A 216 -1.92 8.39 -7.41
N ASP A 217 -1.89 9.64 -8.00
CA ASP A 217 -1.26 10.77 -7.33
C ASP A 217 -1.91 11.08 -6.01
N SER A 218 -3.25 11.00 -5.94
CA SER A 218 -4.00 11.28 -4.72
C SER A 218 -3.61 10.32 -3.57
N MET A 219 -3.00 9.15 -3.88
CA MET A 219 -2.61 8.20 -2.84
C MET A 219 -1.51 8.76 -1.92
N HIS A 220 -0.55 9.51 -2.49
CA HIS A 220 0.59 10.08 -1.75
C HIS A 220 0.14 10.89 -0.52
N ASP A 221 -0.85 11.78 -0.69
CA ASP A 221 -1.35 12.62 0.41
C ASP A 221 -1.97 11.79 1.54
N LEU A 222 -2.87 10.82 1.20
CA LEU A 222 -3.49 9.93 2.19
C LEU A 222 -2.41 9.08 2.89
N VAL A 223 -1.48 8.50 2.13
CA VAL A 223 -0.37 7.69 2.67
C VAL A 223 0.50 8.50 3.65
N SER A 224 0.78 9.78 3.32
N SER A 224 0.78 9.77 3.33
CA SER A 224 1.55 10.68 4.18
CA SER A 224 1.58 10.64 4.20
C SER A 224 0.91 10.81 5.55
C SER A 224 0.92 10.83 5.56
N ASP A 225 -0.43 10.98 5.58
CA ASP A 225 -1.22 11.14 6.79
C ASP A 225 -1.28 9.82 7.57
N LEU A 226 -1.44 8.69 6.86
CA LEU A 226 -1.45 7.36 7.50
C LEU A 226 -0.09 7.10 8.16
N LEU A 227 1.01 7.39 7.45
CA LEU A 227 2.36 7.21 7.99
C LEU A 227 2.64 8.10 9.17
N GLU A 228 2.14 9.37 9.14
CA GLU A 228 2.32 10.30 10.24
C GLU A 228 1.72 9.70 11.54
N PHE A 229 0.53 9.08 11.45
CA PHE A 229 -0.11 8.46 12.60
C PHE A 229 0.61 7.19 13.01
N CYS A 230 1.06 6.39 12.04
CA CYS A 230 1.80 5.17 12.31
C CYS A 230 3.14 5.44 13.01
N PHE A 231 3.87 6.49 12.56
CA PHE A 231 5.13 6.90 13.18
C PHE A 231 4.91 7.37 14.63
N TYR A 232 3.80 8.08 14.88
CA TYR A 232 3.41 8.55 16.21
C TYR A 232 3.17 7.38 17.18
N THR A 233 2.28 6.42 16.80
CA THR A 233 1.99 5.26 17.66
C THR A 233 3.25 4.37 17.84
N PHE A 234 4.12 4.31 16.82
CA PHE A 234 5.37 3.52 16.88
C PHE A 234 6.34 4.10 17.93
N ARG A 235 6.49 5.43 17.92
CA ARG A 235 7.38 6.19 18.80
C ARG A 235 6.89 6.25 20.24
N GLU A 236 5.56 6.27 20.45
CA GLU A 236 4.88 6.21 21.77
C GLU A 236 4.06 4.90 21.78
N SER A 237 4.75 3.76 21.67
CA SER A 237 4.12 2.43 21.57
C SER A 237 3.53 1.91 22.87
N HIS A 238 4.37 1.62 23.90
CA HIS A 238 3.92 1.10 25.19
C HIS A 238 3.11 2.12 26.00
N ALA A 239 3.31 3.42 25.74
CA ALA A 239 2.54 4.52 26.37
C ALA A 239 1.08 4.42 25.92
N LEU A 240 0.86 3.98 24.66
CA LEU A 240 -0.44 3.79 24.04
C LEU A 240 -0.85 2.30 23.92
N LYS A 241 0.00 1.35 24.41
CA LYS A 241 -0.16 -0.13 24.39
C LYS A 241 -0.35 -0.72 22.95
N VAL A 242 0.16 -0.04 21.93
CA VAL A 242 -0.02 -0.50 20.55
C VAL A 242 1.15 -1.43 20.19
N GLU A 243 0.83 -2.66 19.82
CA GLU A 243 1.85 -3.66 19.47
C GLU A 243 2.19 -3.68 17.99
N PHE A 244 3.45 -3.96 17.67
CA PHE A 244 3.97 -4.05 16.29
C PHE A 244 4.68 -5.38 16.09
N PRO A 245 4.38 -6.13 15.00
CA PRO A 245 5.14 -7.36 14.73
C PRO A 245 6.55 -7.02 14.23
N ALA A 246 7.50 -7.99 14.34
CA ALA A 246 8.91 -7.83 13.98
C ALA A 246 9.14 -7.22 12.59
N MET A 247 8.34 -7.67 11.59
CA MET A 247 8.40 -7.23 10.20
C MET A 247 8.15 -5.71 10.15
N LEU A 248 7.12 -5.22 10.86
CA LEU A 248 6.79 -3.80 10.92
C LEU A 248 7.83 -3.01 11.71
N VAL A 249 8.35 -3.59 12.80
CA VAL A 249 9.38 -2.89 13.59
C VAL A 249 10.58 -2.56 12.70
N GLU A 250 11.06 -3.57 11.96
CA GLU A 250 12.21 -3.45 11.10
C GLU A 250 11.99 -2.42 10.02
N ILE A 251 10.87 -2.52 9.29
CA ILE A 251 10.56 -1.60 8.18
C ILE A 251 10.42 -0.15 8.66
N ILE A 252 9.60 0.08 9.71
CA ILE A 252 9.36 1.41 10.27
C ILE A 252 10.64 2.03 10.85
N SER A 253 11.48 1.24 11.56
CA SER A 253 12.75 1.72 12.13
C SER A 253 13.66 2.31 11.04
N ASP A 254 13.70 1.68 9.85
CA ASP A 254 14.49 2.15 8.71
C ASP A 254 13.79 3.33 7.99
N GLN A 255 12.50 3.17 7.69
CA GLN A 255 11.70 4.15 6.95
C GLN A 255 11.48 5.49 7.67
N LEU A 256 11.09 5.47 8.97
CA LEU A 256 10.75 6.65 9.79
C LEU A 256 11.83 7.77 9.73
N PRO A 257 13.15 7.54 10.05
CA PRO A 257 14.14 8.63 9.95
C PRO A 257 14.30 9.14 8.52
N LYS A 258 14.17 8.26 7.50
CA LYS A 258 14.30 8.63 6.08
C LYS A 258 13.16 9.52 5.62
N VAL A 259 11.90 9.20 5.99
CA VAL A 259 10.71 9.99 5.62
C VAL A 259 10.78 11.37 6.33
N GLU A 260 11.04 11.37 7.65
CA GLU A 260 11.12 12.61 8.43
C GLU A 260 12.29 13.54 8.05
N SER A 261 13.40 12.98 7.55
CA SER A 261 14.55 13.81 7.13
C SER A 261 14.42 14.33 5.68
N GLY A 262 13.29 14.01 5.04
CA GLY A 262 13.01 14.40 3.66
C GLY A 262 13.76 13.61 2.60
N ASN A 263 14.20 12.37 2.92
CA ASN A 263 14.93 11.51 1.98
C ASN A 263 13.97 10.79 1.02
N ALA A 264 12.67 10.71 1.36
CA ALA A 264 11.68 10.05 0.51
C ALA A 264 11.23 11.03 -0.56
N LYS A 265 11.18 10.56 -1.80
CA LYS A 265 10.76 11.36 -2.92
C LYS A 265 9.51 10.73 -3.57
N PRO A 266 8.30 11.25 -3.29
CA PRO A 266 7.12 10.73 -3.98
C PRO A 266 7.17 11.13 -5.46
N LEU A 267 6.87 10.19 -6.36
CA LEU A 267 6.85 10.40 -7.80
C LEU A 267 5.39 10.64 -8.21
N TYR A 268 5.14 11.80 -8.79
CA TYR A 268 3.82 12.20 -9.25
C TYR A 268 3.73 12.14 -10.76
N PHE A 269 2.57 11.71 -11.29
CA PHE A 269 2.34 11.81 -12.72
C PHE A 269 2.15 13.29 -13.09
N HIS A 270 1.47 14.03 -12.21
CA HIS A 270 1.10 15.42 -12.45
C HIS A 270 1.40 16.23 -11.21
N ARG A 271 2.49 16.98 -11.26
CA ARG A 271 2.95 17.82 -10.14
C ARG A 271 1.83 18.77 -9.68
N LYS A 272 1.54 18.75 -8.36
CA LYS A 272 0.49 19.59 -7.77
C LYS A 272 1.00 21.01 -7.50
N LYS B 6 21.64 -10.53 8.35
CA LYS B 6 20.60 -10.18 7.39
C LYS B 6 19.29 -9.79 8.10
N SER B 7 18.60 -8.74 7.58
CA SER B 7 17.31 -8.30 8.07
C SER B 7 16.23 -9.29 7.60
N LEU B 8 15.02 -9.25 8.19
CA LEU B 8 13.90 -10.12 7.80
C LEU B 8 13.56 -9.90 6.33
N LEU B 9 13.56 -8.62 5.89
CA LEU B 9 13.27 -8.29 4.49
C LEU B 9 14.34 -8.87 3.55
N GLN B 10 15.64 -8.74 3.90
CA GLN B 10 16.77 -9.30 3.13
C GLN B 10 16.63 -10.82 3.05
N GLN B 11 16.38 -11.48 4.20
CA GLN B 11 16.17 -12.94 4.30
C GLN B 11 15.07 -13.42 3.35
N LEU B 12 13.89 -12.74 3.38
CA LEU B 12 12.76 -13.11 2.53
C LEU B 12 13.02 -12.93 1.05
N LEU B 13 13.64 -11.80 0.65
CA LEU B 13 13.97 -11.51 -0.75
C LEU B 13 15.04 -12.41 -1.36
N THR B 14 15.93 -12.99 -0.54
CA THR B 14 17.04 -13.82 -1.03
C THR B 14 16.75 -15.32 -0.98
N GLU B 15 15.81 -15.77 -0.13
CA GLU B 15 15.45 -17.20 -0.02
C GLU B 15 14.80 -17.78 -1.30
C1 MPD C . 0.58 -8.17 -2.17
C2 MPD C . -0.12 -6.86 -2.50
O2 MPD C . -1.32 -7.18 -3.22
CM MPD C . 0.77 -6.01 -3.41
C3 MPD C . -0.41 -6.02 -1.20
C4 MPD C . -1.77 -6.18 -0.46
O4 MPD C . -2.39 -7.47 -0.60
C5 MPD C . -1.70 -5.80 1.00
O4 EY8 D . -4.79 -2.34 8.20
C7 EY8 D . -3.17 0.69 5.13
C9 EY8 D . -4.96 1.75 6.27
C10 EY8 D . -6.00 2.66 6.23
C11 EY8 D . -6.65 2.98 7.41
C13 EY8 D . -6.28 2.40 8.61
C14 EY8 D . -5.25 1.49 8.64
C15 EY8 D . -4.58 1.16 7.47
C19 EY8 D . -2.16 1.18 9.42
C20 EY8 D . -2.14 2.54 9.11
C21 EY8 D . -1.80 3.46 10.08
C22 EY8 D . -1.49 3.02 11.36
C24 EY8 D . -1.57 3.47 13.67
N1 EY8 D . -2.76 -3.36 6.96
S2 EY8 D . -4.38 -2.84 6.91
O3 EY8 D . -5.13 -3.87 6.19
C5 EY8 D . -4.28 -1.47 5.78
C6 EY8 D . -3.27 -0.41 6.18
O8 EY8 D . -4.38 1.45 5.04
F12 EY8 D . -7.66 3.88 7.39
N16 EY8 D . -3.52 0.24 7.46
C17 EY8 D . -2.48 0.13 8.42
O18 EY8 D . -1.71 -0.83 8.43
O23 EY8 D . -1.14 3.93 12.35
C25 EY8 D . -1.02 2.11 13.98
O26 EY8 D . -0.54 1.81 15.07
N27 EY8 D . -1.14 1.23 12.94
C28 EY8 D . -1.50 1.67 11.65
C29 EY8 D . -1.85 0.74 10.68
#